data_1BHQ
#
_entry.id   1BHQ
#
_cell.length_a   48.420
_cell.length_b   122.390
_cell.length_c   75.360
_cell.angle_alpha   90.00
_cell.angle_beta   90.00
_cell.angle_gamma   90.00
#
_symmetry.space_group_name_H-M   'P 21 21 2'
#
loop_
_entity.id
_entity.type
_entity.pdbx_description
1 polymer CD11B
2 non-polymer 'CADMIUM ION'
3 non-polymer 'ACETYL GROUP'
4 water water
#
_entity_poly.entity_id   1
_entity_poly.type   'polypeptide(L)'
_entity_poly.pdbx_seq_one_letter_code
;SDIAFLIDGSGSIIPHDFRRMKEFVSTVMEQLKKSKTLFSLMQYSEEFRIHFTFKEFQNNPNPRSLVKPITQLLGRTHTA
TGIRKVVRELFNITNGARKNAFKILVVITDGEKFGDPLGYEDVIPEADREGVIRYVIGVGDAFRSEKSRQELNTIASKPP
RDHVFQVNNFEALKTIQNQLREKIFAIEG
;
_entity_poly.pdbx_strand_id   1,2
#
loop_
_chem_comp.id
_chem_comp.type
_chem_comp.name
_chem_comp.formula
ACE non-polymer 'ACETYL GROUP' 'C2 H4 O'
CD non-polymer 'CADMIUM ION' 'Cd 2'
#
# COMPACT_ATOMS: atom_id res chain seq x y z
N SER A 1 -26.20 -14.73 -3.13
CA SER A 1 -25.37 -13.75 -2.46
C SER A 1 -24.00 -14.25 -2.07
N ASP A 2 -23.01 -13.63 -2.67
CA ASP A 2 -21.59 -13.89 -2.42
C ASP A 2 -21.24 -13.13 -1.12
N ILE A 3 -21.19 -13.80 0.01
CA ILE A 3 -20.87 -13.19 1.30
C ILE A 3 -19.49 -13.49 1.89
N ALA A 4 -18.67 -12.51 2.19
CA ALA A 4 -17.34 -12.61 2.72
C ALA A 4 -17.06 -11.88 4.02
N PHE A 5 -16.30 -12.55 4.85
CA PHE A 5 -15.83 -12.12 6.16
C PHE A 5 -14.33 -11.80 6.14
N LEU A 6 -13.95 -10.81 6.91
CA LEU A 6 -12.55 -10.39 7.03
C LEU A 6 -12.36 -10.19 8.55
N ILE A 7 -11.76 -11.20 9.16
CA ILE A 7 -11.52 -11.28 10.57
C ILE A 7 -10.06 -10.96 10.91
N ASP A 8 -9.95 -9.98 11.75
CA ASP A 8 -8.71 -9.44 12.30
C ASP A 8 -7.98 -10.53 13.10
N GLY A 9 -6.76 -10.78 12.71
CA GLY A 9 -5.91 -11.77 13.32
C GLY A 9 -4.76 -11.19 14.12
N SER A 10 -4.77 -9.88 14.27
CA SER A 10 -3.74 -9.14 14.99
C SER A 10 -3.50 -9.78 16.37
N GLY A 11 -2.35 -9.42 16.92
CA GLY A 11 -1.86 -9.87 18.19
C GLY A 11 -2.45 -9.44 19.48
N SER A 12 -3.28 -8.42 19.52
CA SER A 12 -3.93 -7.95 20.77
C SER A 12 -5.15 -8.81 21.09
N ILE A 13 -5.43 -9.74 20.19
CA ILE A 13 -6.57 -10.66 20.36
C ILE A 13 -6.10 -11.98 20.99
N ILE A 14 -6.39 -12.08 22.27
CA ILE A 14 -6.05 -13.24 23.09
C ILE A 14 -6.70 -14.50 22.49
N PRO A 15 -5.97 -15.61 22.62
CA PRO A 15 -6.34 -16.88 22.09
C PRO A 15 -7.76 -17.36 22.23
N HIS A 16 -8.37 -17.21 23.41
CA HIS A 16 -9.73 -17.73 23.59
C HIS A 16 -10.81 -16.82 23.02
N ASP A 17 -10.47 -15.59 22.75
CA ASP A 17 -11.37 -14.59 22.16
C ASP A 17 -11.32 -14.79 20.63
N PHE A 18 -10.13 -15.20 20.15
CA PHE A 18 -9.91 -15.49 18.72
C PHE A 18 -10.77 -16.74 18.36
N ARG A 19 -11.03 -17.48 19.40
CA ARG A 19 -11.80 -18.70 19.38
C ARG A 19 -13.30 -18.32 19.46
N ARG A 20 -13.55 -17.24 20.19
CA ARG A 20 -14.96 -16.80 20.37
C ARG A 20 -15.46 -16.20 19.04
N MET A 21 -14.55 -15.41 18.49
CA MET A 21 -14.81 -14.78 17.19
C MET A 21 -15.14 -15.92 16.22
N LYS A 22 -14.19 -16.81 16.03
CA LYS A 22 -14.24 -17.95 15.15
C LYS A 22 -15.53 -18.77 15.20
N GLU A 23 -16.12 -18.73 16.35
CA GLU A 23 -17.36 -19.41 16.74
C GLU A 23 -18.58 -18.69 16.18
N PHE A 24 -18.48 -17.39 16.24
CA PHE A 24 -19.43 -16.41 15.77
C PHE A 24 -19.57 -16.56 14.24
N VAL A 25 -18.42 -16.55 13.60
CA VAL A 25 -18.29 -16.65 12.15
C VAL A 25 -19.08 -17.82 11.64
N SER A 26 -18.83 -18.98 12.21
CA SER A 26 -19.52 -20.21 11.86
C SER A 26 -21.04 -20.14 12.05
N THR A 27 -21.44 -19.67 13.24
CA THR A 27 -22.90 -19.67 13.54
C THR A 27 -23.73 -18.77 12.62
N VAL A 28 -23.10 -17.68 12.20
CA VAL A 28 -23.69 -16.70 11.29
C VAL A 28 -23.74 -17.31 9.89
N MET A 29 -22.71 -18.07 9.59
CA MET A 29 -22.66 -18.68 8.23
C MET A 29 -23.75 -19.74 8.10
N GLU A 30 -24.01 -20.37 9.26
CA GLU A 30 -25.08 -21.41 9.29
C GLU A 30 -26.39 -20.66 9.10
N GLN A 31 -26.71 -19.84 10.09
CA GLN A 31 -27.89 -19.01 10.14
C GLN A 31 -28.22 -18.18 8.89
N LEU A 32 -27.27 -17.96 8.03
CA LEU A 32 -27.44 -17.18 6.82
C LEU A 32 -27.40 -18.13 5.63
N LYS A 33 -27.63 -19.43 5.88
CA LYS A 33 -27.59 -20.35 4.75
C LYS A 33 -28.88 -20.59 3.99
N LYS A 34 -28.66 -20.54 2.69
CA LYS A 34 -29.64 -20.76 1.63
C LYS A 34 -28.93 -21.40 0.45
N SER A 35 -29.70 -22.17 -0.32
CA SER A 35 -29.08 -22.86 -1.48
C SER A 35 -28.32 -21.93 -2.39
N LYS A 36 -28.56 -20.64 -2.41
CA LYS A 36 -27.81 -19.78 -3.33
C LYS A 36 -26.74 -18.95 -2.70
N THR A 37 -26.38 -19.24 -1.45
CA THR A 37 -25.33 -18.42 -0.78
C THR A 37 -23.95 -19.09 -0.91
N LEU A 38 -22.97 -18.25 -0.82
CA LEU A 38 -21.53 -18.56 -0.85
C LEU A 38 -20.93 -17.58 0.17
N PHE A 39 -19.97 -18.14 0.87
CA PHE A 39 -19.22 -17.45 1.93
C PHE A 39 -17.72 -17.58 1.64
N SER A 40 -16.98 -16.55 2.02
CA SER A 40 -15.51 -16.49 1.78
C SER A 40 -14.90 -15.93 3.05
N LEU A 41 -13.70 -16.40 3.43
CA LEU A 41 -13.08 -15.90 4.66
C LEU A 41 -11.60 -15.62 4.38
N MET A 42 -11.13 -14.58 5.03
CA MET A 42 -9.81 -14.03 5.01
C MET A 42 -9.58 -13.41 6.40
N GLN A 43 -8.44 -13.74 6.99
CA GLN A 43 -8.06 -13.12 8.27
C GLN A 43 -6.86 -12.22 7.79
N TYR A 44 -6.74 -11.12 8.47
CA TYR A 44 -5.64 -10.20 8.10
C TYR A 44 -4.97 -9.74 9.40
N SER A 45 -3.76 -9.26 9.21
CA SER A 45 -2.95 -8.67 10.28
C SER A 45 -1.99 -7.76 9.48
N GLU A 46 -0.82 -8.29 9.28
CA GLU A 46 0.25 -7.64 8.50
C GLU A 46 0.47 -8.59 7.30
N GLU A 47 0.00 -9.81 7.48
CA GLU A 47 -0.02 -10.87 6.49
C GLU A 47 -1.54 -11.05 6.19
N PHE A 48 -1.89 -11.96 5.35
CA PHE A 48 -3.27 -12.18 4.91
C PHE A 48 -3.46 -13.61 4.40
N ARG A 49 -4.38 -14.37 5.00
CA ARG A 49 -4.76 -15.69 4.69
C ARG A 49 -6.17 -15.84 4.09
N ILE A 50 -6.20 -16.55 2.96
CA ILE A 50 -7.50 -16.86 2.36
C ILE A 50 -7.74 -18.29 2.94
N HIS A 51 -8.75 -18.36 3.75
CA HIS A 51 -9.09 -19.65 4.38
C HIS A 51 -9.93 -20.47 3.43
N PHE A 52 -10.86 -19.72 2.81
CA PHE A 52 -11.74 -20.41 1.81
C PHE A 52 -12.33 -19.34 0.88
N THR A 53 -12.29 -19.69 -0.38
CA THR A 53 -12.78 -18.93 -1.53
C THR A 53 -14.25 -19.37 -1.71
N PHE A 54 -14.94 -18.67 -2.60
CA PHE A 54 -16.32 -18.92 -2.90
C PHE A 54 -16.55 -20.29 -3.56
N LYS A 55 -15.59 -20.60 -4.42
CA LYS A 55 -15.75 -21.87 -5.22
C LYS A 55 -15.26 -23.06 -4.47
N GLU A 56 -14.52 -22.80 -3.38
CA GLU A 56 -14.01 -23.83 -2.51
C GLU A 56 -15.00 -24.17 -1.40
N PHE A 57 -15.86 -23.24 -1.09
CA PHE A 57 -16.91 -23.45 -0.07
C PHE A 57 -17.91 -24.47 -0.67
N GLN A 58 -18.11 -24.24 -1.95
CA GLN A 58 -19.03 -25.10 -2.72
C GLN A 58 -18.37 -26.45 -2.95
N ASN A 59 -17.32 -26.71 -2.16
CA ASN A 59 -16.61 -28.01 -2.22
C ASN A 59 -16.83 -28.67 -0.83
N ASN A 60 -17.04 -27.81 0.13
CA ASN A 60 -17.26 -28.32 1.53
C ASN A 60 -18.01 -27.22 2.27
N PRO A 61 -19.31 -27.17 1.96
CA PRO A 61 -20.24 -26.19 2.48
C PRO A 61 -20.41 -26.34 3.98
N ASN A 62 -19.30 -26.56 4.66
CA ASN A 62 -19.45 -26.77 6.15
C ASN A 62 -18.70 -25.72 6.96
N PRO A 63 -19.41 -24.60 7.21
CA PRO A 63 -18.82 -23.47 7.96
C PRO A 63 -17.93 -24.02 9.04
N ARG A 64 -18.53 -24.61 10.04
CA ARG A 64 -17.96 -25.25 11.18
C ARG A 64 -16.65 -25.97 10.91
N SER A 65 -16.69 -26.84 9.91
CA SER A 65 -15.46 -27.63 9.65
C SER A 65 -14.36 -26.76 9.06
N LEU A 66 -14.70 -25.91 8.11
CA LEU A 66 -13.83 -25.02 7.41
C LEU A 66 -13.13 -23.97 8.27
N VAL A 67 -13.71 -23.74 9.41
CA VAL A 67 -13.27 -22.74 10.39
C VAL A 67 -12.47 -23.34 11.53
N LYS A 68 -12.73 -24.60 11.77
CA LYS A 68 -12.07 -25.33 12.89
C LYS A 68 -10.58 -25.15 12.84
N PRO A 69 -9.95 -25.49 11.71
CA PRO A 69 -8.54 -25.40 11.46
C PRO A 69 -7.86 -24.06 11.42
N ILE A 70 -8.55 -22.98 11.29
CA ILE A 70 -8.11 -21.60 11.25
C ILE A 70 -7.34 -21.18 12.50
N THR A 71 -6.08 -20.87 12.31
CA THR A 71 -5.18 -20.43 13.38
C THR A 71 -4.81 -18.93 13.17
N GLN A 72 -4.53 -18.31 14.27
CA GLN A 72 -4.20 -16.88 14.38
C GLN A 72 -2.89 -16.49 13.74
N LEU A 73 -2.94 -15.37 12.99
CA LEU A 73 -1.78 -14.83 12.30
C LEU A 73 -0.96 -13.92 13.22
N LEU A 74 -1.57 -13.30 14.21
CA LEU A 74 -0.85 -12.41 15.11
C LEU A 74 -0.09 -11.26 14.43
N GLY A 75 -0.43 -10.72 13.29
CA GLY A 75 0.46 -9.59 12.81
C GLY A 75 0.12 -8.35 13.66
N ARG A 76 -0.06 -7.25 12.91
CA ARG A 76 -0.47 -5.95 13.46
C ARG A 76 -1.74 -5.68 12.61
N THR A 77 -2.23 -4.49 12.49
CA THR A 77 -3.45 -4.17 11.76
C THR A 77 -3.44 -3.45 10.45
N HIS A 78 -3.42 -4.16 9.33
CA HIS A 78 -3.47 -3.58 7.98
C HIS A 78 -4.81 -3.83 7.29
N THR A 79 -5.86 -3.20 7.74
CA THR A 79 -7.21 -3.32 7.27
C THR A 79 -7.49 -2.83 5.86
N ALA A 80 -6.85 -1.78 5.42
CA ALA A 80 -7.12 -1.23 4.06
C ALA A 80 -6.55 -2.18 3.03
N THR A 81 -5.32 -2.62 3.20
CA THR A 81 -4.69 -3.58 2.28
C THR A 81 -5.59 -4.84 2.19
N GLY A 82 -6.27 -5.10 3.30
CA GLY A 82 -7.15 -6.26 3.46
C GLY A 82 -8.42 -6.07 2.61
N ILE A 83 -9.00 -4.89 2.73
CA ILE A 83 -10.20 -4.56 1.97
C ILE A 83 -9.92 -4.71 0.48
N ARG A 84 -8.70 -4.41 0.09
CA ARG A 84 -8.16 -4.44 -1.23
C ARG A 84 -8.22 -5.82 -1.88
N LYS A 85 -7.75 -6.80 -1.14
CA LYS A 85 -7.66 -8.21 -1.55
C LYS A 85 -9.01 -8.89 -1.51
N VAL A 86 -9.83 -8.51 -0.54
CA VAL A 86 -11.21 -9.05 -0.50
C VAL A 86 -11.85 -8.74 -1.87
N VAL A 87 -11.69 -7.49 -2.26
CA VAL A 87 -12.17 -6.91 -3.49
C VAL A 87 -11.44 -7.43 -4.73
N ARG A 88 -10.13 -7.56 -4.66
CA ARG A 88 -9.39 -7.97 -5.87
C ARG A 88 -9.31 -9.47 -6.09
N GLU A 89 -9.36 -10.23 -4.98
CA GLU A 89 -9.27 -11.67 -5.03
C GLU A 89 -10.53 -12.47 -4.76
N LEU A 90 -11.29 -12.23 -3.71
CA LEU A 90 -12.49 -12.99 -3.37
C LEU A 90 -13.67 -12.75 -4.30
N PHE A 91 -13.99 -11.48 -4.54
CA PHE A 91 -15.12 -11.16 -5.45
C PHE A 91 -14.58 -11.22 -6.88
N ASN A 92 -13.73 -12.18 -7.14
CA ASN A 92 -13.09 -12.40 -8.44
C ASN A 92 -13.72 -13.69 -9.01
N ILE A 93 -14.03 -13.54 -10.28
CA ILE A 93 -14.64 -14.60 -11.09
C ILE A 93 -14.00 -15.94 -10.87
N THR A 94 -12.72 -16.05 -11.03
CA THR A 94 -11.90 -17.25 -10.85
C THR A 94 -11.96 -17.76 -9.42
N ASN A 95 -12.23 -16.93 -8.42
CA ASN A 95 -12.35 -17.42 -7.02
C ASN A 95 -13.78 -17.78 -6.71
N GLY A 96 -14.49 -18.15 -7.77
CA GLY A 96 -15.86 -18.57 -7.81
C GLY A 96 -16.97 -17.59 -7.59
N ALA A 97 -16.69 -16.31 -7.48
CA ALA A 97 -17.69 -15.27 -7.23
C ALA A 97 -18.64 -15.10 -8.41
N ARG A 98 -19.90 -14.94 -8.13
CA ARG A 98 -21.02 -14.76 -9.02
C ARG A 98 -21.29 -13.34 -9.51
N LYS A 99 -21.44 -13.32 -10.84
CA LYS A 99 -21.65 -12.12 -11.65
C LYS A 99 -22.88 -11.32 -11.24
N ASN A 100 -24.07 -11.91 -11.33
CA ASN A 100 -25.31 -11.19 -10.99
C ASN A 100 -25.62 -11.18 -9.50
N ALA A 101 -24.70 -11.51 -8.64
CA ALA A 101 -24.93 -11.56 -7.21
C ALA A 101 -24.56 -10.34 -6.40
N PHE A 102 -25.27 -10.24 -5.26
CA PHE A 102 -25.08 -9.21 -4.25
C PHE A 102 -23.73 -9.50 -3.59
N LYS A 103 -23.07 -8.47 -3.12
CA LYS A 103 -21.70 -8.76 -2.54
C LYS A 103 -21.71 -8.03 -1.19
N ILE A 104 -21.88 -8.84 -0.15
CA ILE A 104 -21.91 -8.33 1.23
C ILE A 104 -20.50 -8.64 1.77
N LEU A 105 -20.03 -7.87 2.71
CA LEU A 105 -18.74 -8.07 3.35
C LEU A 105 -18.81 -7.68 4.83
N VAL A 106 -18.41 -8.59 5.75
CA VAL A 106 -18.46 -8.17 7.16
C VAL A 106 -17.06 -8.06 7.79
N VAL A 107 -16.70 -6.85 8.19
CA VAL A 107 -15.41 -6.60 8.83
C VAL A 107 -15.55 -6.74 10.35
N ILE A 108 -14.58 -7.46 10.92
CA ILE A 108 -14.54 -7.73 12.35
C ILE A 108 -13.11 -7.44 12.81
N THR A 109 -12.95 -6.56 13.76
CA THR A 109 -11.64 -6.13 14.26
C THR A 109 -11.65 -5.33 15.55
N ASP A 110 -10.55 -5.51 16.29
CA ASP A 110 -10.40 -4.85 17.59
C ASP A 110 -9.35 -3.74 17.54
N GLY A 111 -9.01 -3.32 16.33
CA GLY A 111 -8.03 -2.30 16.15
C GLY A 111 -8.03 -1.33 15.02
N GLU A 112 -7.37 -0.21 15.35
CA GLU A 112 -7.14 0.93 14.47
C GLU A 112 -6.11 0.50 13.44
N LYS A 113 -6.26 1.03 12.25
CA LYS A 113 -5.34 0.69 11.12
C LYS A 113 -3.95 1.14 11.51
N PHE A 114 -2.99 0.23 11.42
CA PHE A 114 -1.64 0.59 11.87
C PHE A 114 -0.51 0.10 10.99
N GLY A 115 0.28 1.13 10.67
CA GLY A 115 1.47 0.96 9.84
C GLY A 115 1.02 0.30 8.53
N ASP A 116 0.00 0.91 7.97
CA ASP A 116 -0.53 0.42 6.69
C ASP A 116 -0.24 1.51 5.63
N PRO A 117 0.46 1.08 4.60
CA PRO A 117 0.77 1.87 3.44
C PRO A 117 -0.43 2.42 2.70
N LEU A 118 -1.56 1.72 2.68
CA LEU A 118 -2.77 2.13 2.01
C LEU A 118 -3.73 2.90 2.96
N GLY A 119 -4.50 3.73 2.30
CA GLY A 119 -5.52 4.56 3.01
C GLY A 119 -6.87 3.94 2.65
N TYR A 120 -7.92 4.28 3.34
CA TYR A 120 -9.25 3.74 3.02
C TYR A 120 -9.73 4.45 1.74
N GLU A 121 -9.01 5.50 1.42
CA GLU A 121 -9.23 6.39 0.27
C GLU A 121 -8.82 5.63 -1.00
N ASP A 122 -7.91 4.71 -0.82
CA ASP A 122 -7.31 3.83 -1.76
C ASP A 122 -8.10 2.55 -2.00
N VAL A 123 -9.02 2.31 -1.06
CA VAL A 123 -9.86 1.12 -1.09
C VAL A 123 -11.33 1.37 -1.17
N ILE A 124 -11.88 2.19 -0.33
CA ILE A 124 -13.36 2.41 -0.33
C ILE A 124 -13.90 2.61 -1.72
N PRO A 125 -13.28 3.44 -2.53
CA PRO A 125 -13.68 3.69 -3.92
C PRO A 125 -13.70 2.42 -4.73
N GLU A 126 -12.76 1.50 -4.60
CA GLU A 126 -12.89 0.24 -5.36
C GLU A 126 -14.11 -0.57 -4.91
N ALA A 127 -14.24 -0.75 -3.62
CA ALA A 127 -15.35 -1.51 -3.01
C ALA A 127 -16.68 -1.04 -3.58
N ASP A 128 -16.81 0.29 -3.57
CA ASP A 128 -18.04 0.92 -4.12
C ASP A 128 -18.17 0.53 -5.62
N ARG A 129 -17.16 0.91 -6.42
CA ARG A 129 -17.25 0.54 -7.83
C ARG A 129 -17.72 -0.90 -8.04
N GLU A 130 -17.36 -1.80 -7.16
CA GLU A 130 -17.77 -3.21 -7.36
C GLU A 130 -18.99 -3.68 -6.61
N GLY A 131 -19.81 -2.81 -6.08
CA GLY A 131 -21.02 -3.07 -5.36
C GLY A 131 -20.92 -3.84 -4.06
N VAL A 132 -19.85 -3.64 -3.30
CA VAL A 132 -19.60 -4.32 -2.03
C VAL A 132 -20.24 -3.60 -0.86
N ILE A 133 -21.24 -4.23 -0.28
CA ILE A 133 -21.99 -3.68 0.89
C ILE A 133 -21.22 -4.12 2.13
N ARG A 134 -20.70 -3.13 2.85
CA ARG A 134 -19.89 -3.27 4.02
C ARG A 134 -20.47 -3.05 5.39
N TYR A 135 -20.39 -4.12 6.14
CA TYR A 135 -20.79 -4.23 7.54
C TYR A 135 -19.55 -4.16 8.39
N VAL A 136 -19.59 -3.48 9.51
CA VAL A 136 -18.39 -3.37 10.37
C VAL A 136 -18.72 -3.64 11.83
N ILE A 137 -17.84 -4.41 12.45
CA ILE A 137 -17.98 -4.82 13.85
C ILE A 137 -16.65 -4.45 14.52
N GLY A 138 -16.70 -3.56 15.49
CA GLY A 138 -15.55 -3.08 16.23
C GLY A 138 -15.64 -3.52 17.68
N VAL A 139 -14.88 -4.56 17.94
CA VAL A 139 -14.76 -5.23 19.24
C VAL A 139 -13.67 -4.61 20.09
N GLY A 140 -13.95 -4.36 21.35
CA GLY A 140 -12.99 -3.79 22.27
C GLY A 140 -13.06 -2.33 22.59
N ASP A 141 -12.12 -1.94 23.46
CA ASP A 141 -11.92 -0.58 23.94
C ASP A 141 -11.09 0.27 22.99
N ALA A 142 -10.84 -0.26 21.81
CA ALA A 142 -10.09 0.42 20.76
C ALA A 142 -10.92 1.55 20.14
N PHE A 143 -12.17 1.26 19.94
CA PHE A 143 -13.22 2.11 19.37
C PHE A 143 -14.07 2.63 20.52
N ARG A 144 -13.37 3.20 21.46
CA ARG A 144 -13.94 3.76 22.69
C ARG A 144 -14.11 5.27 22.58
N SER A 145 -13.74 5.81 21.43
CA SER A 145 -13.76 7.26 21.25
C SER A 145 -14.40 7.79 20.00
N GLU A 146 -14.99 8.95 20.23
CA GLU A 146 -15.71 9.77 19.25
C GLU A 146 -14.75 10.05 18.10
N LYS A 147 -13.67 9.29 18.08
CA LYS A 147 -12.61 9.32 17.12
C LYS A 147 -12.28 8.02 16.40
N SER A 148 -11.93 6.96 17.11
CA SER A 148 -11.53 5.73 16.40
C SER A 148 -12.78 5.10 15.77
N ARG A 149 -13.89 5.37 16.40
CA ARG A 149 -15.18 4.84 15.82
C ARG A 149 -15.31 5.47 14.43
N GLN A 150 -14.72 6.66 14.27
CA GLN A 150 -14.78 7.35 12.96
C GLN A 150 -14.14 6.47 11.87
N GLU A 151 -13.36 5.49 12.30
CA GLU A 151 -12.74 4.57 11.36
C GLU A 151 -13.80 3.55 10.93
N LEU A 152 -14.62 3.13 11.85
CA LEU A 152 -15.73 2.22 11.59
C LEU A 152 -16.64 2.73 10.48
N ASN A 153 -17.02 3.99 10.58
CA ASN A 153 -17.95 4.66 9.64
C ASN A 153 -17.37 4.85 8.24
N THR A 154 -16.05 4.95 8.18
CA THR A 154 -15.28 5.16 6.94
C THR A 154 -15.22 3.94 6.07
N ILE A 155 -15.14 2.81 6.74
CA ILE A 155 -15.08 1.48 6.18
C ILE A 155 -16.47 1.04 5.70
N ALA A 156 -17.43 1.23 6.59
CA ALA A 156 -18.83 0.85 6.41
C ALA A 156 -19.64 1.70 5.42
N SER A 157 -20.64 1.02 4.89
CA SER A 157 -21.60 1.57 3.95
C SER A 157 -22.49 2.65 4.63
N LYS A 158 -22.99 3.52 3.76
CA LYS A 158 -23.87 4.61 4.31
C LYS A 158 -25.29 4.14 4.21
N PRO A 159 -26.15 4.47 5.16
CA PRO A 159 -25.87 5.29 6.33
C PRO A 159 -25.17 4.39 7.35
N PRO A 160 -24.27 4.99 8.10
CA PRO A 160 -23.47 4.32 9.10
C PRO A 160 -24.20 3.55 10.17
N ARG A 161 -25.23 4.09 10.77
CA ARG A 161 -25.97 3.40 11.86
C ARG A 161 -26.20 1.92 11.48
N ASP A 162 -26.82 1.73 10.30
CA ASP A 162 -27.15 0.41 9.83
C ASP A 162 -26.03 -0.58 9.59
N HIS A 163 -24.86 -0.10 9.22
CA HIS A 163 -23.76 -1.00 8.90
C HIS A 163 -22.73 -1.15 9.97
N VAL A 164 -22.86 -0.40 11.06
CA VAL A 164 -21.86 -0.53 12.13
C VAL A 164 -22.42 -1.13 13.41
N PHE A 165 -21.53 -1.84 14.06
CA PHE A 165 -21.71 -2.53 15.32
C PHE A 165 -20.35 -2.51 16.06
N GLN A 166 -20.50 -2.27 17.32
CA GLN A 166 -19.41 -2.22 18.30
C GLN A 166 -20.00 -2.86 19.58
N VAL A 167 -19.11 -3.68 20.13
CA VAL A 167 -19.48 -4.43 21.40
C VAL A 167 -18.22 -4.43 22.21
N ASN A 168 -18.26 -4.44 23.51
CA ASN A 168 -17.11 -4.37 24.42
C ASN A 168 -16.10 -5.51 24.36
N ASN A 169 -16.53 -6.74 24.36
CA ASN A 169 -15.63 -7.93 24.33
C ASN A 169 -15.97 -8.84 23.17
N PHE A 170 -15.24 -9.91 22.98
CA PHE A 170 -15.49 -10.86 21.88
C PHE A 170 -16.66 -11.77 22.31
N GLU A 171 -16.86 -11.63 23.60
CA GLU A 171 -17.89 -12.40 24.33
C GLU A 171 -19.29 -11.84 24.18
N ALA A 172 -19.42 -10.62 23.76
CA ALA A 172 -20.73 -9.98 23.54
C ALA A 172 -21.17 -10.16 22.09
N LEU A 173 -20.22 -10.48 21.22
CA LEU A 173 -20.44 -10.69 19.80
C LEU A 173 -21.79 -11.37 19.53
N LYS A 174 -22.15 -12.23 20.45
CA LYS A 174 -23.39 -12.99 20.43
C LYS A 174 -24.59 -12.06 20.55
N THR A 175 -24.41 -10.90 21.17
CA THR A 175 -25.55 -9.97 21.33
C THR A 175 -26.00 -9.31 20.05
N ILE A 176 -25.21 -9.18 19.02
CA ILE A 176 -25.62 -8.56 17.75
C ILE A 176 -25.80 -9.61 16.65
N GLN A 177 -25.77 -10.87 17.05
CA GLN A 177 -25.87 -11.99 16.10
C GLN A 177 -27.14 -12.02 15.29
N ASN A 178 -28.31 -11.89 15.91
CA ASN A 178 -29.59 -11.90 15.23
C ASN A 178 -29.84 -10.58 14.48
N GLN A 179 -29.34 -9.50 15.03
CA GLN A 179 -29.50 -8.18 14.42
C GLN A 179 -28.77 -8.12 13.08
N LEU A 180 -27.68 -8.86 13.07
CA LEU A 180 -26.82 -8.95 11.89
C LEU A 180 -27.48 -9.81 10.82
N ARG A 181 -27.81 -10.99 11.31
CA ARG A 181 -28.39 -12.06 10.53
C ARG A 181 -29.48 -11.57 9.59
N GLU A 182 -30.35 -10.76 10.18
CA GLU A 182 -31.53 -10.25 9.46
C GLU A 182 -31.14 -9.20 8.45
N LYS A 183 -30.39 -8.17 8.87
CA LYS A 183 -29.95 -7.14 7.97
C LYS A 183 -29.62 -7.74 6.59
N ILE A 184 -28.79 -8.74 6.63
CA ILE A 184 -28.27 -9.44 5.47
C ILE A 184 -29.27 -10.27 4.72
N PHE A 185 -30.49 -10.30 5.25
CA PHE A 185 -31.61 -11.02 4.63
C PHE A 185 -32.42 -9.96 3.84
N ALA A 186 -32.46 -8.79 4.43
CA ALA A 186 -33.15 -7.64 3.83
C ALA A 186 -32.55 -7.25 2.47
N ILE A 187 -31.39 -7.79 2.16
CA ILE A 187 -30.70 -7.52 0.89
C ILE A 187 -31.28 -8.39 -0.24
N GLU A 188 -32.01 -9.42 0.19
CA GLU A 188 -32.59 -10.40 -0.72
C GLU A 188 -34.06 -10.74 -0.59
N GLY A 189 -34.48 -11.15 0.60
CA GLY A 189 -35.86 -11.51 0.92
C GLY A 189 -35.94 -12.95 1.40
N SER B 1 14.51 25.21 -7.49
CA SER B 1 14.11 23.85 -7.58
C SER B 1 14.34 22.94 -6.36
N ASP B 2 13.22 22.30 -6.06
CA ASP B 2 13.16 21.27 -5.00
C ASP B 2 13.39 19.97 -5.79
N ILE B 3 14.68 19.65 -5.90
CA ILE B 3 15.20 18.48 -6.61
C ILE B 3 15.42 17.38 -5.57
N ALA B 4 14.79 16.25 -5.82
CA ALA B 4 14.89 15.09 -4.91
C ALA B 4 15.10 13.77 -5.66
N PHE B 5 15.94 12.93 -5.03
CA PHE B 5 16.37 11.63 -5.52
C PHE B 5 15.81 10.45 -4.75
N LEU B 6 15.35 9.49 -5.53
CA LEU B 6 14.79 8.24 -4.98
C LEU B 6 15.81 7.16 -5.39
N ILE B 7 16.49 6.65 -4.39
CA ILE B 7 17.52 5.64 -4.68
C ILE B 7 17.17 4.26 -4.13
N ASP B 8 17.23 3.32 -5.04
CA ASP B 8 17.02 1.90 -4.85
C ASP B 8 18.21 1.27 -4.10
N GLY B 9 17.99 0.88 -2.87
CA GLY B 9 19.00 0.24 -2.03
C GLY B 9 18.75 -1.27 -1.87
N SER B 10 18.37 -1.91 -2.97
CA SER B 10 18.08 -3.34 -3.01
C SER B 10 19.39 -4.13 -2.88
N GLY B 11 19.21 -5.29 -2.24
CA GLY B 11 20.31 -6.22 -1.99
C GLY B 11 20.52 -7.05 -3.26
N SER B 12 20.20 -6.43 -4.38
CA SER B 12 20.33 -7.10 -5.71
C SER B 12 21.50 -6.40 -6.42
N ILE B 13 21.89 -5.35 -5.75
CA ILE B 13 22.92 -4.37 -6.01
C ILE B 13 24.15 -4.63 -5.14
N ILE B 14 25.09 -5.29 -5.75
CA ILE B 14 26.39 -5.65 -5.13
C ILE B 14 27.08 -4.40 -4.61
N PRO B 15 27.50 -4.43 -3.37
CA PRO B 15 28.19 -3.40 -2.63
C PRO B 15 28.89 -2.31 -3.39
N HIS B 16 29.61 -2.71 -4.42
CA HIS B 16 30.38 -1.79 -5.26
C HIS B 16 29.47 -1.03 -6.24
N ASP B 17 28.51 -1.75 -6.78
CA ASP B 17 27.59 -1.14 -7.76
C ASP B 17 26.79 -0.07 -6.99
N PHE B 18 26.61 -0.36 -5.73
CA PHE B 18 25.86 0.55 -4.83
C PHE B 18 26.82 1.67 -4.40
N ARG B 19 28.08 1.24 -4.51
CA ARG B 19 29.19 2.16 -4.16
C ARG B 19 29.17 3.22 -5.26
N ARG B 20 29.09 2.66 -6.45
CA ARG B 20 29.06 3.45 -7.70
C ARG B 20 27.84 4.33 -7.71
N MET B 21 26.67 3.75 -7.76
CA MET B 21 25.44 4.53 -7.74
C MET B 21 25.64 5.79 -6.87
N LYS B 22 26.05 5.56 -5.65
CA LYS B 22 26.24 6.62 -4.67
C LYS B 22 27.19 7.72 -5.05
N GLU B 23 28.14 7.47 -5.92
CA GLU B 23 29.14 8.44 -6.40
C GLU B 23 28.46 9.26 -7.51
N PHE B 24 27.53 8.58 -8.15
CA PHE B 24 26.72 9.12 -9.24
C PHE B 24 25.98 10.35 -8.71
N VAL B 25 25.26 10.13 -7.66
CA VAL B 25 24.46 11.11 -6.93
C VAL B 25 25.21 12.33 -6.44
N SER B 26 26.34 12.14 -5.77
CA SER B 26 27.15 13.24 -5.27
C SER B 26 27.50 14.21 -6.42
N THR B 27 27.80 13.60 -7.56
CA THR B 27 28.25 14.34 -8.74
C THR B 27 27.17 15.18 -9.36
N VAL B 28 26.03 14.56 -9.64
CA VAL B 28 24.88 15.31 -10.24
C VAL B 28 24.43 16.41 -9.31
N MET B 29 24.45 16.27 -8.02
CA MET B 29 24.07 17.38 -7.11
C MET B 29 25.06 18.54 -7.14
N GLU B 30 26.34 18.21 -7.20
CA GLU B 30 27.44 19.21 -7.25
C GLU B 30 27.29 19.96 -8.59
N GLN B 31 26.89 19.13 -9.56
CA GLN B 31 26.65 19.51 -10.92
C GLN B 31 25.42 20.34 -11.20
N LEU B 32 24.34 20.14 -10.47
CA LEU B 32 23.11 20.90 -10.68
C LEU B 32 22.97 22.00 -9.62
N LYS B 33 23.94 22.10 -8.72
CA LYS B 33 23.82 23.05 -7.64
C LYS B 33 23.78 24.52 -7.96
N LYS B 34 22.58 25.09 -8.14
CA LYS B 34 22.57 26.59 -8.40
C LYS B 34 22.78 27.23 -7.03
N SER B 35 21.93 28.12 -6.58
CA SER B 35 22.09 28.79 -5.27
C SER B 35 20.85 28.53 -4.43
N LYS B 36 19.73 28.60 -5.16
CA LYS B 36 18.41 28.38 -4.60
C LYS B 36 17.98 26.92 -4.81
N THR B 37 18.87 26.11 -5.34
CA THR B 37 18.54 24.69 -5.54
C THR B 37 18.62 23.97 -4.20
N LEU B 38 17.61 23.16 -3.91
CA LEU B 38 17.62 22.36 -2.65
C LEU B 38 17.73 20.89 -3.08
N PHE B 39 18.12 20.09 -2.14
CA PHE B 39 18.33 18.65 -2.36
C PHE B 39 17.75 17.86 -1.17
N SER B 40 17.38 16.65 -1.51
CA SER B 40 16.76 15.68 -0.62
C SER B 40 16.98 14.24 -1.08
N LEU B 41 17.26 13.36 -0.12
CA LEU B 41 17.50 11.96 -0.48
C LEU B 41 16.86 11.03 0.56
N MET B 42 16.46 9.89 0.06
CA MET B 42 15.89 8.78 0.78
C MET B 42 16.30 7.52 -0.06
N GLN B 43 16.52 6.49 0.64
CA GLN B 43 16.88 5.16 0.07
C GLN B 43 15.60 4.33 0.30
N TYR B 44 15.29 3.46 -0.63
CA TYR B 44 14.06 2.68 -0.49
C TYR B 44 14.35 1.22 -0.88
N SER B 45 13.49 0.39 -0.30
CA SER B 45 13.58 -1.05 -0.59
C SER B 45 12.25 -1.69 -0.17
N GLU B 46 12.25 -2.14 1.03
CA GLU B 46 11.05 -2.78 1.69
C GLU B 46 10.95 -1.93 2.96
N GLU B 47 12.05 -1.26 3.21
CA GLU B 47 12.29 -0.31 4.30
C GLU B 47 12.46 1.05 3.61
N PHE B 48 12.25 2.14 4.29
CA PHE B 48 12.39 3.48 3.68
C PHE B 48 13.17 4.38 4.63
N ARG B 49 14.31 4.79 4.21
CA ARG B 49 15.37 5.60 4.70
C ARG B 49 15.51 7.03 4.21
N ILE B 50 15.13 7.99 5.02
CA ILE B 50 15.28 9.41 4.63
C ILE B 50 16.67 9.89 5.13
N HIS B 51 17.63 9.93 4.24
CA HIS B 51 18.99 10.37 4.57
C HIS B 51 19.05 11.87 4.79
N PHE B 52 18.18 12.65 4.13
CA PHE B 52 18.13 14.11 4.30
C PHE B 52 17.09 14.80 3.39
N THR B 53 16.58 15.90 3.96
CA THR B 53 15.61 16.79 3.39
C THR B 53 16.21 18.18 3.04
N PHE B 54 15.54 18.78 2.07
CA PHE B 54 15.84 20.10 1.54
C PHE B 54 16.14 21.02 2.73
N LYS B 55 15.37 20.79 3.78
CA LYS B 55 15.44 21.61 5.00
C LYS B 55 16.77 21.58 5.71
N GLU B 56 17.48 20.48 5.57
CA GLU B 56 18.81 20.31 6.22
C GLU B 56 19.88 20.77 5.23
N PHE B 57 19.68 20.22 4.05
CA PHE B 57 20.59 20.48 2.92
C PHE B 57 21.12 21.91 2.95
N GLN B 58 20.26 22.84 3.26
CA GLN B 58 20.65 24.26 3.27
C GLN B 58 21.48 24.69 4.45
N ASN B 59 21.60 23.83 5.46
CA ASN B 59 22.45 24.11 6.63
C ASN B 59 23.59 23.06 6.63
N ASN B 60 24.06 22.76 5.44
CA ASN B 60 25.15 21.82 5.15
C ASN B 60 24.95 21.28 3.72
N PRO B 61 25.02 22.21 2.78
CA PRO B 61 24.81 21.93 1.36
C PRO B 61 25.98 21.25 0.68
N ASN B 62 26.45 20.19 1.28
CA ASN B 62 27.64 19.44 0.77
C ASN B 62 27.33 17.99 0.48
N PRO B 63 26.99 17.74 -0.79
CA PRO B 63 26.66 16.43 -1.31
C PRO B 63 27.59 15.30 -0.98
N ARG B 64 28.88 15.56 -0.91
CA ARG B 64 29.90 14.54 -0.61
C ARG B 64 29.79 14.10 0.85
N SER B 65 29.52 15.15 1.60
CA SER B 65 29.38 15.03 3.07
C SER B 65 28.17 14.21 3.46
N LEU B 66 27.01 14.52 2.95
CA LEU B 66 25.76 13.83 3.24
C LEU B 66 25.60 12.50 2.53
N VAL B 67 26.15 12.34 1.35
CA VAL B 67 26.03 11.10 0.56
C VAL B 67 26.96 9.97 0.94
N LYS B 68 28.10 10.29 1.53
CA LYS B 68 29.13 9.33 1.89
C LYS B 68 28.76 8.26 2.89
N PRO B 69 28.12 8.64 3.97
CA PRO B 69 27.75 7.75 5.05
C PRO B 69 26.50 6.93 4.96
N ILE B 70 25.87 6.78 3.81
CA ILE B 70 24.66 5.97 3.63
C ILE B 70 24.97 4.48 3.78
N THR B 71 24.01 3.74 4.28
CA THR B 71 24.13 2.27 4.46
C THR B 71 23.01 1.62 3.66
N GLN B 72 23.37 0.64 2.87
CA GLN B 72 22.40 -0.07 1.97
C GLN B 72 21.29 -0.72 2.80
N LEU B 73 20.18 -1.09 2.15
CA LEU B 73 19.03 -1.69 2.78
C LEU B 73 18.72 -3.13 2.46
N LEU B 74 19.19 -3.68 1.38
CA LEU B 74 19.00 -5.03 0.95
C LEU B 74 17.61 -5.58 0.62
N GLY B 75 16.56 -5.30 1.33
CA GLY B 75 15.22 -5.80 1.07
C GLY B 75 14.80 -5.89 -0.38
N ARG B 76 13.48 -5.75 -0.64
CA ARG B 76 12.98 -5.84 -2.02
C ARG B 76 12.60 -4.51 -2.61
N THR B 77 11.80 -4.46 -3.67
CA THR B 77 11.48 -3.18 -4.28
C THR B 77 10.03 -2.69 -4.22
N HIS B 78 9.87 -1.65 -3.42
CA HIS B 78 8.59 -0.95 -3.23
C HIS B 78 8.55 0.42 -3.88
N THR B 79 9.05 0.58 -5.09
CA THR B 79 9.10 1.86 -5.81
C THR B 79 7.86 2.72 -5.56
N ALA B 80 6.71 2.21 -5.90
CA ALA B 80 5.42 2.90 -5.76
C ALA B 80 5.33 3.53 -4.39
N THR B 81 5.36 2.73 -3.37
CA THR B 81 5.27 3.19 -1.97
C THR B 81 6.30 4.24 -1.62
N GLY B 82 7.47 4.12 -2.24
CA GLY B 82 8.59 5.05 -2.03
C GLY B 82 8.13 6.35 -2.71
N ILE B 83 7.56 6.13 -3.92
CA ILE B 83 7.11 7.34 -4.64
C ILE B 83 6.15 8.11 -3.72
N ARG B 84 5.16 7.42 -3.21
CA ARG B 84 4.20 8.03 -2.30
C ARG B 84 4.85 8.76 -1.14
N LYS B 85 5.96 8.23 -0.62
CA LYS B 85 6.61 8.85 0.53
C LYS B 85 7.45 10.03 0.08
N VAL B 86 7.81 9.98 -1.19
CA VAL B 86 8.60 11.09 -1.79
C VAL B 86 7.66 12.30 -1.76
N VAL B 87 6.56 12.18 -2.48
CA VAL B 87 5.60 13.28 -2.50
C VAL B 87 5.12 13.67 -1.09
N ARG B 88 4.57 12.71 -0.40
CA ARG B 88 3.98 12.90 0.92
C ARG B 88 4.84 13.53 1.99
N GLU B 89 6.12 13.15 2.13
CA GLU B 89 6.97 13.70 3.15
C GLU B 89 8.05 14.66 2.63
N LEU B 90 8.88 14.15 1.76
CA LEU B 90 10.01 14.93 1.22
C LEU B 90 9.59 16.30 0.72
N PHE B 91 8.70 16.26 -0.24
CA PHE B 91 8.20 17.51 -0.86
C PHE B 91 7.14 18.16 0.03
N ASN B 92 7.30 18.01 1.33
CA ASN B 92 6.31 18.64 2.25
C ASN B 92 6.95 19.94 2.70
N ILE B 93 6.14 20.88 3.13
CA ILE B 93 6.61 22.21 3.53
C ILE B 93 7.59 22.26 4.68
N THR B 94 7.29 21.55 5.73
CA THR B 94 8.10 21.51 6.94
C THR B 94 9.48 20.90 6.69
N ASN B 95 9.61 20.24 5.57
CA ASN B 95 10.88 19.59 5.20
C ASN B 95 11.70 20.49 4.30
N GLY B 96 11.44 21.79 4.40
CA GLY B 96 12.17 22.79 3.63
C GLY B 96 11.54 23.13 2.30
N ALA B 97 10.90 22.17 1.67
CA ALA B 97 10.26 22.39 0.37
C ALA B 97 9.65 23.80 0.40
N ARG B 98 9.93 24.50 -0.67
CA ARG B 98 9.44 25.89 -0.91
C ARG B 98 8.27 25.81 -1.88
N LYS B 99 7.19 26.46 -1.57
CA LYS B 99 5.99 26.37 -2.40
C LYS B 99 6.04 26.83 -3.81
N ASN B 100 6.73 27.89 -4.14
CA ASN B 100 6.74 28.41 -5.52
C ASN B 100 7.88 27.82 -6.33
N ALA B 101 8.37 26.65 -5.94
CA ALA B 101 9.50 26.04 -6.62
C ALA B 101 9.13 24.86 -7.49
N PHE B 102 10.00 24.61 -8.47
CA PHE B 102 9.88 23.46 -9.37
C PHE B 102 10.19 22.19 -8.56
N LYS B 103 9.28 21.24 -8.66
CA LYS B 103 9.39 19.97 -7.93
C LYS B 103 9.95 18.91 -8.85
N ILE B 104 11.15 18.44 -8.55
CA ILE B 104 11.80 17.44 -9.43
C ILE B 104 12.25 16.21 -8.68
N LEU B 105 12.08 15.06 -9.33
CA LEU B 105 12.40 13.73 -8.82
C LEU B 105 13.12 12.88 -9.87
N VAL B 106 14.24 12.32 -9.52
CA VAL B 106 15.11 11.44 -10.26
C VAL B 106 15.13 10.12 -9.42
N VAL B 107 14.62 9.09 -10.03
CA VAL B 107 14.47 7.75 -9.49
C VAL B 107 15.53 6.82 -10.06
N ILE B 108 16.23 6.12 -9.22
CA ILE B 108 17.26 5.17 -9.71
C ILE B 108 16.89 3.76 -9.26
N THR B 109 16.57 2.91 -10.20
CA THR B 109 16.16 1.54 -9.86
C THR B 109 16.93 0.50 -10.64
N ASP B 110 16.98 -0.66 -10.06
CA ASP B 110 17.60 -1.91 -10.41
C ASP B 110 16.69 -3.05 -10.84
N GLY B 111 15.38 -2.88 -10.71
CA GLY B 111 14.42 -3.95 -11.09
C GLY B 111 12.97 -3.48 -11.02
N GLU B 112 12.11 -4.46 -11.27
CA GLU B 112 10.65 -4.22 -11.25
C GLU B 112 10.21 -4.12 -9.80
N LYS B 113 9.18 -3.40 -9.53
CA LYS B 113 8.57 -3.18 -8.18
C LYS B 113 8.12 -4.53 -7.64
N PHE B 114 8.76 -5.06 -6.60
CA PHE B 114 8.34 -6.41 -6.11
C PHE B 114 7.73 -6.42 -4.72
N GLY B 115 6.52 -7.00 -4.65
CA GLY B 115 5.70 -7.18 -3.46
C GLY B 115 5.31 -5.93 -2.70
N ASP B 116 4.67 -5.03 -3.43
CA ASP B 116 4.25 -3.69 -2.90
C ASP B 116 2.73 -3.63 -2.95
N PRO B 117 2.14 -3.27 -1.83
CA PRO B 117 0.67 -3.15 -1.73
C PRO B 117 0.15 -2.21 -2.82
N LEU B 118 0.77 -1.01 -2.86
CA LEU B 118 0.47 0.01 -3.84
C LEU B 118 0.97 -0.33 -5.26
N GLY B 119 0.38 0.45 -6.14
CA GLY B 119 0.59 0.46 -7.59
C GLY B 119 0.90 1.96 -7.92
N TYR B 120 1.15 2.14 -9.17
CA TYR B 120 1.45 3.46 -9.77
C TYR B 120 0.19 4.27 -9.81
N GLU B 121 -0.92 3.63 -10.19
CA GLU B 121 -2.24 4.21 -10.27
C GLU B 121 -2.64 4.83 -8.91
N ASP B 122 -2.04 4.32 -7.88
CA ASP B 122 -2.25 4.69 -6.49
C ASP B 122 -1.38 5.89 -6.08
N VAL B 123 -0.20 5.98 -6.67
CA VAL B 123 0.74 7.06 -6.33
C VAL B 123 0.97 8.12 -7.40
N ILE B 124 1.02 7.75 -8.65
CA ILE B 124 1.26 8.61 -9.77
C ILE B 124 0.35 9.82 -9.78
N PRO B 125 -0.94 9.58 -9.82
CA PRO B 125 -1.93 10.64 -9.90
C PRO B 125 -1.77 11.77 -8.93
N GLU B 126 -1.36 11.47 -7.72
CA GLU B 126 -1.19 12.45 -6.66
C GLU B 126 0.12 13.20 -6.82
N ALA B 127 0.96 12.61 -7.67
CA ALA B 127 2.30 13.20 -7.94
C ALA B 127 2.16 14.31 -8.97
N ASP B 128 1.43 13.99 -10.03
CA ASP B 128 1.16 14.99 -11.09
C ASP B 128 0.50 16.22 -10.43
N ARG B 129 -0.52 15.85 -9.67
CA ARG B 129 -1.38 16.77 -8.90
C ARG B 129 -0.52 17.91 -8.37
N GLU B 130 0.40 17.53 -7.47
CA GLU B 130 1.32 18.48 -6.86
C GLU B 130 2.36 18.89 -7.89
N GLY B 131 2.37 18.25 -9.03
CA GLY B 131 3.27 18.60 -10.13
C GLY B 131 4.73 18.38 -9.86
N VAL B 132 5.04 17.09 -9.78
CA VAL B 132 6.41 16.58 -9.57
C VAL B 132 6.87 16.04 -10.92
N ILE B 133 7.96 16.64 -11.39
CA ILE B 133 8.51 16.16 -12.70
C ILE B 133 9.33 14.91 -12.34
N ARG B 134 9.15 13.85 -13.13
CA ARG B 134 9.87 12.59 -12.87
C ARG B 134 10.73 12.21 -14.05
N TYR B 135 11.94 11.85 -13.73
CA TYR B 135 13.04 11.37 -14.54
C TYR B 135 13.44 10.02 -13.88
N VAL B 136 13.71 9.06 -14.73
CA VAL B 136 14.08 7.74 -14.21
C VAL B 136 15.28 7.14 -14.93
N ILE B 137 16.18 6.67 -14.06
CA ILE B 137 17.41 5.99 -14.55
C ILE B 137 17.09 4.51 -14.20
N GLY B 138 17.17 3.65 -15.17
CA GLY B 138 16.84 2.18 -14.94
C GLY B 138 18.15 1.44 -15.23
N VAL B 139 18.60 0.65 -14.31
CA VAL B 139 19.93 0.00 -14.45
C VAL B 139 20.06 -1.48 -14.47
N GLY B 140 20.41 -2.09 -15.60
CA GLY B 140 20.57 -3.56 -15.60
C GLY B 140 19.61 -4.33 -16.47
N ASP B 141 20.06 -5.54 -16.75
CA ASP B 141 19.45 -6.55 -17.59
C ASP B 141 17.99 -6.79 -17.31
N ALA B 142 17.58 -6.62 -16.07
CA ALA B 142 16.18 -6.79 -15.65
C ALA B 142 15.27 -5.96 -16.55
N PHE B 143 15.78 -4.77 -16.89
CA PHE B 143 15.07 -3.78 -17.70
C PHE B 143 15.32 -3.96 -19.20
N ARG B 144 15.54 -5.20 -19.60
CA ARG B 144 15.84 -5.52 -21.00
C ARG B 144 14.60 -6.06 -21.69
N SER B 145 13.57 -6.30 -20.89
CA SER B 145 12.33 -6.86 -21.45
C SER B 145 11.48 -5.85 -22.20
N GLU B 146 10.44 -6.41 -22.80
CA GLU B 146 9.44 -5.67 -23.57
C GLU B 146 8.23 -5.41 -22.67
N LYS B 147 8.51 -5.40 -21.36
CA LYS B 147 7.56 -5.14 -20.30
C LYS B 147 8.24 -4.46 -19.11
N SER B 148 9.54 -4.66 -19.02
CA SER B 148 10.32 -4.03 -17.91
C SER B 148 10.39 -2.54 -18.22
N ARG B 149 10.69 -2.27 -19.48
CA ARG B 149 10.78 -0.93 -20.06
C ARG B 149 9.49 -0.15 -19.74
N GLN B 150 8.42 -0.94 -19.78
CA GLN B 150 7.04 -0.46 -19.56
C GLN B 150 6.95 0.22 -18.20
N GLU B 151 7.46 -0.43 -17.17
CA GLU B 151 7.41 0.16 -15.83
C GLU B 151 8.32 1.39 -15.78
N LEU B 152 9.34 1.37 -16.63
CA LEU B 152 10.27 2.50 -16.68
C LEU B 152 9.58 3.69 -17.34
N ASN B 153 8.88 3.43 -18.41
CA ASN B 153 8.15 4.45 -19.17
C ASN B 153 6.97 4.97 -18.30
N THR B 154 6.71 4.32 -17.20
CA THR B 154 5.60 4.64 -16.32
C THR B 154 5.79 5.59 -15.18
N ILE B 155 6.90 5.52 -14.52
CA ILE B 155 7.29 6.37 -13.39
C ILE B 155 7.62 7.77 -13.92
N ALA B 156 8.10 7.80 -15.16
CA ALA B 156 8.48 9.03 -15.83
C ALA B 156 7.25 9.91 -16.00
N SER B 157 7.62 11.10 -16.46
CA SER B 157 6.63 12.18 -16.79
C SER B 157 6.60 12.09 -18.32
N LYS B 158 5.62 12.64 -18.96
CA LYS B 158 5.51 12.54 -20.43
C LYS B 158 6.11 13.77 -21.12
N PRO B 159 6.85 13.55 -22.20
CA PRO B 159 7.20 12.28 -22.80
C PRO B 159 8.32 11.51 -22.08
N PRO B 160 8.19 10.18 -22.14
CA PRO B 160 9.10 9.20 -21.58
C PRO B 160 10.42 9.08 -22.34
N ARG B 161 10.38 9.26 -23.66
CA ARG B 161 11.58 9.21 -24.49
C ARG B 161 12.62 10.20 -23.95
N ASP B 162 12.14 11.16 -23.20
CA ASP B 162 12.92 12.23 -22.60
C ASP B 162 13.11 12.04 -21.09
N HIS B 163 12.39 11.16 -20.46
CA HIS B 163 12.56 11.05 -18.98
C HIS B 163 13.14 9.69 -18.56
N VAL B 164 13.42 8.87 -19.55
CA VAL B 164 13.97 7.53 -19.32
C VAL B 164 15.33 7.39 -19.95
N PHE B 165 16.22 6.92 -19.08
CA PHE B 165 17.65 6.66 -19.44
C PHE B 165 17.82 5.18 -19.03
N GLN B 166 18.05 4.31 -19.98
CA GLN B 166 18.19 2.85 -19.68
C GLN B 166 19.67 2.54 -19.82
N VAL B 167 20.30 2.34 -18.69
CA VAL B 167 21.78 2.06 -18.65
C VAL B 167 22.04 0.59 -18.48
N ASN B 168 23.26 0.14 -18.76
CA ASN B 168 23.66 -1.26 -18.68
C ASN B 168 24.24 -1.72 -17.35
N ASN B 169 24.82 -0.85 -16.55
CA ASN B 169 25.38 -1.27 -15.25
C ASN B 169 25.89 -0.04 -14.51
N PHE B 170 26.12 -0.20 -13.24
CA PHE B 170 26.57 0.96 -12.42
C PHE B 170 27.73 1.71 -12.97
N GLU B 171 28.79 1.08 -13.48
CA GLU B 171 29.90 1.84 -14.07
C GLU B 171 29.30 2.94 -14.97
N ALA B 172 28.53 2.46 -15.92
CA ALA B 172 27.83 3.21 -16.93
C ALA B 172 26.85 4.28 -16.53
N LEU B 173 26.82 4.79 -15.32
CA LEU B 173 25.85 5.87 -15.02
C LEU B 173 26.57 7.20 -15.35
N LYS B 174 27.90 7.10 -15.34
CA LYS B 174 28.76 8.23 -15.62
C LYS B 174 28.42 8.84 -16.99
N THR B 175 28.02 7.93 -17.86
CA THR B 175 27.65 8.14 -19.24
C THR B 175 26.48 9.06 -19.48
N ILE B 176 25.63 9.34 -18.49
CA ILE B 176 24.47 10.19 -18.67
C ILE B 176 24.36 11.45 -17.82
N GLN B 177 25.34 11.70 -16.99
CA GLN B 177 25.39 12.83 -16.07
C GLN B 177 25.12 14.12 -16.84
N ASN B 178 25.78 14.19 -17.99
CA ASN B 178 25.68 15.39 -18.84
C ASN B 178 24.24 15.56 -19.27
N GLN B 179 23.67 14.48 -19.79
CA GLN B 179 22.25 14.53 -20.21
C GLN B 179 21.42 14.96 -19.00
N LEU B 180 21.19 13.99 -18.13
CA LEU B 180 20.41 14.19 -16.92
C LEU B 180 20.62 15.58 -16.34
N ARG B 181 21.82 16.11 -16.49
CA ARG B 181 22.14 17.42 -15.93
C ARG B 181 21.53 18.56 -16.72
N GLU B 182 21.78 18.50 -18.00
CA GLU B 182 21.34 19.54 -18.93
C GLU B 182 19.82 19.61 -19.05
N LYS B 183 19.15 18.47 -18.91
CA LYS B 183 17.69 18.43 -18.92
C LYS B 183 17.10 19.15 -17.70
N ILE B 184 17.69 18.97 -16.54
CA ILE B 184 17.24 19.60 -15.32
C ILE B 184 17.64 21.06 -15.21
N PHE B 185 18.37 21.59 -16.16
CA PHE B 185 18.76 23.00 -16.12
C PHE B 185 17.86 23.84 -17.06
N ALA B 186 17.58 23.22 -18.18
CA ALA B 186 16.73 23.81 -19.22
C ALA B 186 15.45 24.36 -18.60
N ILE B 187 15.02 23.77 -17.49
CA ILE B 187 13.78 24.15 -16.81
C ILE B 187 13.97 25.08 -15.62
N GLU B 188 14.91 25.98 -15.84
CA GLU B 188 15.25 27.04 -14.87
C GLU B 188 16.24 27.94 -15.61
N GLY B 189 16.79 27.34 -16.65
CA GLY B 189 17.80 27.99 -17.52
C GLY B 189 19.04 27.10 -17.66
CD CD C . -5.70 -5.55 17.27
C ACE D . -27.03 -14.38 -4.12
O ACE D . -27.40 -13.19 -4.26
CH3 ACE D . -27.46 -15.45 -5.07
CD CD E . 16.76 -4.74 -6.84
CD CD F . -12.41 -11.80 26.15
C ACE G . 13.66 26.25 -7.68
O ACE G . 12.57 26.11 -8.27
CH3 ACE G . 14.07 27.59 -7.13
#